data_6HMM
#
_entry.id   6HMM
#
_cell.length_a   67.081
_cell.length_b   90.367
_cell.length_c   95.410
_cell.angle_alpha   90.00
_cell.angle_beta   90.00
_cell.angle_gamma   90.00
#
_symmetry.space_group_name_H-M   'P 21 21 21'
#
loop_
_entity.id
_entity.type
_entity.pdbx_description
1 polymer 'Poly(ADP-ribose) glycohydrolase'
2 non-polymer 'DIMETHYL SULFOXIDE'
3 non-polymer GLYCEROL
4 non-polymer ~{N}-~{tert}-butyl-9,10-bis(oxidanylidene)anthracene-2-sulfonamide
5 non-polymer 'SULFATE ION'
6 water water
#
_entity_poly.entity_id   1
_entity_poly.type   'polypeptide(L)'
_entity_poly.pdbx_seq_one_letter_code
;GSSPDKKWLGTPIEEMRRMPRCGIRLPLLRPSANHTVTIRVDLLRAGEVPKPFPTHYKDLWDNKHVKMPCSEQNLYPVED
ENGERTAGSRWELIQTALLNKFTRPQNLKDAILKYNVAYSKKWDFTALIDFWDKVLEEAEAQHLYQSILPDMVKIALCLP
NICTQPIPLLAAAMNHSITMSQEQIASLLANAFFCTFPRRNAKMKSEYSSYPDINFNRLFEGRSSRKPEKLKTLFCYFRR
VTAAAPTGLVTFTRQSLEDFPEWER(CSO)EKPLTRLHVTYEGTIEENGQGMLQVDFANRFVGGGVTSAGLVQEEIRFLI
NPELIISRLFTEVLDHNECLIITGTEQYSEYTGYAETYRWSRSHEDGSERDDWQRRCTEIVAIDALHFRRYLDQFVPEKM
RRELNKAYCGFLRPGVSSENLSAVATGNWGCGAFGGDARLKALIQILAAAAAERDVVYFTFGDSELMRDIYSMHIFLTER
KLTVGDVYKLLLRYYNEECRN(CSO)STPGPDIKLYPFIYHAVESCAETADHSGQRTGT
;
_entity_poly.pdbx_strand_id   A
#
loop_
_chem_comp.id
_chem_comp.type
_chem_comp.name
_chem_comp.formula
7JB non-polymer ~{N}-~{tert}-butyl-9,10-bis(oxidanylidene)anthracene-2-sulfonamide 'C18 H17 N O4 S'
DMS non-polymer 'DIMETHYL SULFOXIDE' 'C2 H6 O S'
GOL non-polymer GLYCEROL 'C3 H8 O3'
SO4 non-polymer 'SULFATE ION' 'O4 S -2'
#
# COMPACT_ATOMS: atom_id res chain seq x y z
N ASP A 5 -31.54 -14.35 3.80
CA ASP A 5 -30.53 -13.30 3.72
C ASP A 5 -29.23 -13.75 3.03
N LYS A 6 -29.20 -13.59 1.68
CA LYS A 6 -28.09 -13.90 0.77
C LYS A 6 -26.81 -13.23 1.25
N LYS A 7 -25.65 -13.92 1.12
CA LYS A 7 -24.37 -13.36 1.58
C LYS A 7 -23.79 -12.40 0.53
N TRP A 8 -24.31 -12.46 -0.72
CA TRP A 8 -23.86 -11.60 -1.80
C TRP A 8 -25.02 -11.22 -2.68
N LEU A 9 -24.87 -10.13 -3.43
CA LEU A 9 -25.92 -9.63 -4.31
C LEU A 9 -25.33 -9.08 -5.60
N GLY A 10 -26.12 -9.09 -6.66
CA GLY A 10 -25.76 -8.55 -7.97
C GLY A 10 -25.27 -9.58 -8.94
N THR A 11 -24.22 -9.20 -9.69
CA THR A 11 -23.61 -10.08 -10.69
C THR A 11 -22.85 -11.19 -9.93
N PRO A 12 -23.06 -12.48 -10.28
CA PRO A 12 -22.28 -13.57 -9.65
C PRO A 12 -20.79 -13.30 -9.83
N ILE A 13 -19.96 -13.71 -8.84
CA ILE A 13 -18.52 -13.45 -8.88
C ILE A 13 -17.77 -14.10 -10.07
N GLU A 14 -18.30 -15.18 -10.58
CA GLU A 14 -17.73 -15.93 -11.71
C GLU A 14 -17.82 -15.15 -13.01
N GLU A 15 -18.87 -14.31 -13.17
CA GLU A 15 -19.05 -13.47 -14.36
C GLU A 15 -18.11 -12.23 -14.40
N MET A 16 -17.36 -11.99 -13.31
CA MET A 16 -16.41 -10.88 -13.21
C MET A 16 -15.06 -11.20 -13.88
N ARG A 17 -14.22 -10.17 -14.15
CA ARG A 17 -12.89 -10.38 -14.77
C ARG A 17 -11.77 -10.44 -13.73
N ARG A 18 -10.79 -11.38 -13.95
CA ARG A 18 -9.60 -11.68 -13.11
C ARG A 18 -8.28 -11.83 -13.91
N MET A 19 -7.14 -11.64 -13.23
CA MET A 19 -5.76 -11.73 -13.76
C MET A 19 -5.03 -13.05 -13.36
N PRO A 20 -4.00 -13.49 -14.13
CA PRO A 20 -3.48 -12.90 -15.39
C PRO A 20 -4.29 -13.35 -16.62
N ARG A 21 -5.46 -14.02 -16.41
CA ARG A 21 -6.34 -14.54 -17.46
C ARG A 21 -6.89 -13.44 -18.40
N CYS A 22 -7.17 -12.24 -17.84
CA CYS A 22 -7.62 -11.05 -18.61
C CYS A 22 -6.38 -10.20 -18.96
N GLY A 23 -5.18 -10.73 -18.72
CA GLY A 23 -3.91 -10.06 -18.92
C GLY A 23 -3.28 -10.14 -20.28
N ILE A 24 -3.39 -9.01 -21.02
CA ILE A 24 -2.79 -8.80 -22.34
C ILE A 24 -1.29 -9.10 -22.20
N ARG A 25 -0.82 -10.21 -22.82
CA ARG A 25 0.55 -10.70 -22.78
C ARG A 25 1.52 -9.55 -22.63
N LEU A 26 2.20 -9.49 -21.50
CA LEU A 26 3.12 -8.42 -21.18
C LEU A 26 4.14 -8.13 -22.28
N PRO A 27 4.45 -6.84 -22.58
CA PRO A 27 5.54 -6.55 -23.53
C PRO A 27 6.84 -7.00 -22.89
N LEU A 28 7.92 -7.02 -23.69
CA LEU A 28 9.22 -7.40 -23.16
C LEU A 28 9.62 -6.40 -22.07
N LEU A 29 10.00 -6.92 -20.89
CA LEU A 29 10.42 -6.09 -19.78
C LEU A 29 11.71 -5.42 -20.17
N ARG A 30 11.75 -4.08 -20.10
CA ARG A 30 13.00 -3.39 -20.46
C ARG A 30 13.09 -2.03 -19.79
N PRO A 31 14.30 -1.59 -19.41
CA PRO A 31 14.42 -0.24 -18.84
C PRO A 31 14.25 0.84 -19.92
N SER A 32 13.71 1.97 -19.53
CA SER A 32 13.50 3.13 -20.38
C SER A 32 13.49 4.34 -19.50
N ALA A 33 13.36 5.53 -20.10
CA ALA A 33 13.28 6.82 -19.42
C ALA A 33 12.22 6.83 -18.31
N ASN A 34 11.13 6.04 -18.48
CA ASN A 34 10.04 5.96 -17.51
C ASN A 34 9.95 4.65 -16.73
N HIS A 35 10.93 3.75 -16.93
CA HIS A 35 10.97 2.45 -16.27
C HIS A 35 12.39 2.05 -15.84
N THR A 36 12.58 1.92 -14.53
CA THR A 36 13.84 1.52 -13.88
C THR A 36 13.76 0.01 -13.62
N VAL A 37 14.66 -0.78 -14.24
CA VAL A 37 14.74 -2.24 -14.10
C VAL A 37 16.10 -2.51 -13.49
N THR A 38 16.11 -3.03 -12.26
CA THR A 38 17.32 -3.26 -11.45
C THR A 38 17.94 -4.66 -11.50
N ILE A 39 17.49 -5.47 -12.48
CA ILE A 39 17.91 -6.85 -12.68
C ILE A 39 18.24 -7.11 -14.13
N ARG A 40 18.83 -8.28 -14.38
CA ARG A 40 19.17 -8.66 -15.75
C ARG A 40 17.93 -9.33 -16.38
N VAL A 41 17.25 -8.60 -17.26
CA VAL A 41 16.03 -9.11 -17.94
C VAL A 41 16.37 -10.37 -18.78
N ASP A 42 17.52 -10.37 -19.44
CA ASP A 42 17.99 -11.48 -20.29
C ASP A 42 18.21 -12.79 -19.51
N LEU A 43 18.57 -12.67 -18.22
CA LEU A 43 18.83 -13.82 -17.34
C LEU A 43 17.67 -14.16 -16.38
N LEU A 44 16.54 -13.47 -16.53
CA LEU A 44 15.36 -13.69 -15.69
C LEU A 44 14.71 -15.00 -16.05
N ARG A 45 14.65 -15.93 -15.09
CA ARG A 45 14.12 -17.26 -15.28
C ARG A 45 13.30 -17.68 -14.09
N ALA A 46 12.19 -18.37 -14.35
CA ALA A 46 11.32 -18.89 -13.30
C ALA A 46 12.12 -19.75 -12.33
N GLY A 47 11.92 -19.53 -11.04
CA GLY A 47 12.58 -20.31 -10.00
C GLY A 47 14.05 -20.01 -9.76
N GLU A 48 14.64 -19.04 -10.50
CA GLU A 48 16.03 -18.64 -10.31
C GLU A 48 16.06 -17.27 -9.67
N VAL A 49 17.02 -17.05 -8.75
CA VAL A 49 17.22 -15.74 -8.11
C VAL A 49 17.68 -14.76 -9.20
N PRO A 50 17.01 -13.60 -9.41
CA PRO A 50 17.47 -12.65 -10.43
C PRO A 50 18.86 -12.12 -10.10
N LYS A 51 19.61 -11.82 -11.16
CA LYS A 51 20.95 -11.28 -11.11
C LYS A 51 20.81 -9.78 -11.16
N PRO A 52 21.41 -9.04 -10.20
CA PRO A 52 21.35 -7.58 -10.26
C PRO A 52 22.03 -6.98 -11.51
N PHE A 53 21.46 -5.88 -12.01
CA PHE A 53 22.01 -5.08 -13.10
C PHE A 53 22.16 -3.66 -12.57
N PRO A 54 23.39 -3.04 -12.55
CA PRO A 54 24.68 -3.54 -13.05
C PRO A 54 25.35 -4.62 -12.18
N THR A 55 26.46 -5.16 -12.65
CA THR A 55 27.17 -6.22 -11.92
C THR A 55 27.78 -5.69 -10.62
N HIS A 56 28.40 -4.51 -10.70
N HIS A 56 28.45 -4.52 -10.70
CA HIS A 56 29.05 -3.83 -9.59
CA HIS A 56 29.09 -3.83 -9.59
C HIS A 56 28.31 -2.55 -9.24
C HIS A 56 28.30 -2.58 -9.25
N TYR A 57 28.22 -2.27 -7.94
CA TYR A 57 27.54 -1.12 -7.35
C TYR A 57 27.93 0.22 -8.01
N LYS A 58 26.92 1.02 -8.38
CA LYS A 58 27.04 2.39 -8.92
C LYS A 58 26.22 3.25 -7.98
N ASP A 59 26.84 4.33 -7.48
CA ASP A 59 26.20 5.23 -6.53
C ASP A 59 25.77 6.54 -7.13
N LEU A 60 24.63 7.04 -6.67
CA LEU A 60 24.10 8.37 -6.95
C LEU A 60 23.61 8.90 -5.60
N TRP A 61 24.26 9.96 -5.10
CA TRP A 61 23.93 10.63 -3.85
C TRP A 61 23.46 12.04 -4.24
N ASP A 62 22.17 12.16 -4.60
CA ASP A 62 21.60 13.43 -5.06
C ASP A 62 20.13 13.58 -4.69
N ASN A 63 19.54 14.69 -5.11
CA ASN A 63 18.15 15.10 -4.87
C ASN A 63 17.12 14.24 -5.61
N LYS A 64 17.55 13.33 -6.52
CA LYS A 64 16.63 12.53 -7.32
C LYS A 64 16.65 11.04 -7.06
N HIS A 65 17.51 10.56 -6.15
CA HIS A 65 17.63 9.13 -5.90
C HIS A 65 17.60 8.81 -4.41
N VAL A 66 17.35 7.55 -4.08
CA VAL A 66 17.38 7.08 -2.71
C VAL A 66 18.86 7.26 -2.25
N LYS A 67 19.05 7.83 -1.06
CA LYS A 67 20.39 7.98 -0.52
C LYS A 67 20.67 6.63 0.19
N MET A 68 21.55 5.80 -0.41
CA MET A 68 21.83 4.46 0.12
C MET A 68 22.69 4.47 1.36
N PRO A 69 22.47 3.53 2.30
CA PRO A 69 23.30 3.48 3.51
C PRO A 69 24.76 3.12 3.19
N CYS A 70 24.97 2.35 2.11
CA CYS A 70 26.28 1.88 1.63
C CYS A 70 27.03 2.88 0.75
N SER A 71 26.44 4.06 0.52
CA SER A 71 27.07 5.11 -0.30
C SER A 71 28.35 5.58 0.39
N GLU A 72 29.43 5.81 -0.38
CA GLU A 72 30.67 6.39 0.17
C GLU A 72 30.40 7.84 0.63
N GLN A 73 29.30 8.47 0.15
CA GLN A 73 28.90 9.83 0.57
C GLN A 73 28.07 9.81 1.88
N ASN A 74 27.73 8.60 2.41
CA ASN A 74 27.04 8.53 3.71
C ASN A 74 28.16 8.65 4.75
N LEU A 75 28.43 9.90 5.18
CA LEU A 75 29.51 10.23 6.12
C LEU A 75 28.98 10.95 7.36
N TYR A 76 29.70 10.79 8.46
CA TYR A 76 29.35 11.44 9.69
C TYR A 76 30.58 12.18 10.28
N PRO A 77 30.37 13.38 10.86
CA PRO A 77 31.52 14.09 11.47
C PRO A 77 32.00 13.33 12.73
N VAL A 78 33.30 12.97 12.75
CA VAL A 78 33.95 12.24 13.85
C VAL A 78 35.20 13.00 14.37
N THR A 86 36.22 15.67 11.22
CA THR A 86 36.69 14.79 10.14
C THR A 86 35.62 13.76 9.73
N ALA A 87 35.34 13.66 8.42
CA ALA A 87 34.33 12.73 7.86
C ALA A 87 34.74 11.26 7.95
N GLY A 88 33.89 10.48 8.62
CA GLY A 88 34.05 9.04 8.77
C GLY A 88 32.97 8.33 7.99
N SER A 89 33.19 7.05 7.61
CA SER A 89 32.20 6.31 6.84
C SER A 89 31.07 5.73 7.70
N ARG A 90 29.82 6.17 7.45
CA ARG A 90 28.70 5.66 8.23
C ARG A 90 28.39 4.18 7.95
N TRP A 91 28.68 3.70 6.71
CA TRP A 91 28.50 2.30 6.32
C TRP A 91 29.50 1.38 7.05
N GLU A 92 30.76 1.85 7.23
CA GLU A 92 31.79 1.07 7.95
C GLU A 92 31.33 0.92 9.39
N LEU A 93 30.78 2.01 9.93
CA LEU A 93 30.22 2.08 11.27
C LEU A 93 29.03 1.11 11.48
N ILE A 94 28.10 1.04 10.51
CA ILE A 94 26.94 0.14 10.53
C ILE A 94 27.45 -1.32 10.57
N GLN A 95 28.47 -1.64 9.73
CA GLN A 95 29.05 -2.98 9.69
C GLN A 95 29.64 -3.37 11.03
N THR A 96 30.43 -2.48 11.65
CA THR A 96 31.04 -2.76 12.95
C THR A 96 29.95 -2.95 14.04
N ALA A 97 28.95 -2.06 14.07
CA ALA A 97 27.86 -2.12 15.04
C ALA A 97 27.00 -3.40 14.95
N LEU A 98 26.64 -3.82 13.71
CA LEU A 98 25.76 -4.96 13.46
C LEU A 98 26.37 -6.35 13.48
N LEU A 99 27.70 -6.47 13.24
CA LEU A 99 28.42 -7.76 13.23
C LEU A 99 28.91 -8.12 14.63
N ASN A 100 27.99 -8.14 15.56
CA ASN A 100 28.16 -8.43 16.96
C ASN A 100 27.12 -9.44 17.36
N LYS A 101 27.48 -10.37 18.25
CA LYS A 101 26.60 -11.40 18.81
C LYS A 101 25.53 -10.67 19.61
N PHE A 102 24.24 -10.92 19.33
CA PHE A 102 23.16 -10.35 20.14
C PHE A 102 22.63 -11.49 20.99
N THR A 103 22.54 -11.29 22.28
CA THR A 103 22.01 -12.31 23.20
C THR A 103 20.90 -11.70 24.08
N ARG A 104 20.76 -10.37 24.09
CA ARG A 104 19.77 -9.64 24.92
C ARG A 104 19.21 -8.47 24.12
N PRO A 105 17.94 -8.04 24.31
CA PRO A 105 17.40 -6.92 23.51
C PRO A 105 18.23 -5.64 23.53
N GLN A 106 18.87 -5.35 24.67
CA GLN A 106 19.74 -4.19 24.84
C GLN A 106 20.87 -4.15 23.83
N ASN A 107 21.34 -5.32 23.37
CA ASN A 107 22.42 -5.44 22.39
C ASN A 107 21.97 -4.93 21.05
N LEU A 108 20.69 -5.22 20.68
CA LEU A 108 20.17 -4.77 19.42
C LEU A 108 19.97 -3.27 19.46
N LYS A 109 19.41 -2.72 20.58
CA LYS A 109 19.19 -1.28 20.74
C LYS A 109 20.52 -0.51 20.65
N ASP A 110 21.56 -0.97 21.38
CA ASP A 110 22.89 -0.35 21.38
C ASP A 110 23.52 -0.33 19.98
N ALA A 111 23.39 -1.44 19.23
CA ALA A 111 23.90 -1.55 17.86
C ALA A 111 23.27 -0.52 16.93
N ILE A 112 21.91 -0.45 16.90
CA ILE A 112 21.16 0.50 16.07
C ILE A 112 21.54 1.93 16.38
N LEU A 113 21.68 2.24 17.68
CA LEU A 113 22.02 3.58 18.13
C LEU A 113 23.49 4.03 17.91
N LYS A 114 24.41 3.10 17.60
CA LYS A 114 25.82 3.43 17.29
C LYS A 114 25.91 4.32 16.04
N TYR A 115 25.00 4.12 15.08
CA TYR A 115 24.98 4.93 13.86
C TYR A 115 23.74 5.84 13.85
N ASN A 116 23.18 6.10 15.05
CA ASN A 116 22.04 7.00 15.27
C ASN A 116 22.13 7.68 16.63
N VAL A 117 23.34 8.17 16.96
CA VAL A 117 23.71 8.85 18.21
C VAL A 117 22.76 10.01 18.57
N ALA A 118 22.46 10.87 17.58
CA ALA A 118 21.56 12.01 17.71
C ALA A 118 20.13 11.61 18.20
N TYR A 119 19.76 10.31 18.07
CA TYR A 119 18.44 9.79 18.45
C TYR A 119 18.45 8.81 19.65
N SER A 120 19.57 8.73 20.37
CA SER A 120 19.74 7.85 21.54
C SER A 120 18.82 8.16 22.71
N LYS A 121 18.34 9.42 22.84
CA LYS A 121 17.37 9.75 23.89
C LYS A 121 15.95 9.93 23.32
N LYS A 122 15.82 9.99 21.98
CA LYS A 122 14.53 10.18 21.31
C LYS A 122 13.85 8.88 20.85
N TRP A 123 14.64 7.83 20.58
CA TRP A 123 14.07 6.57 20.12
C TRP A 123 13.89 5.60 21.29
N ASP A 124 12.64 5.30 21.59
CA ASP A 124 12.23 4.37 22.63
C ASP A 124 12.21 2.96 22.05
N PHE A 125 12.74 1.99 22.83
CA PHE A 125 12.82 0.59 22.39
C PHE A 125 12.03 -0.37 23.25
N THR A 126 11.12 0.17 24.09
CA THR A 126 10.27 -0.61 25.01
C THR A 126 9.58 -1.82 24.38
N ALA A 127 8.99 -1.64 23.19
CA ALA A 127 8.27 -2.69 22.48
C ALA A 127 9.21 -3.78 22.00
N LEU A 128 10.43 -3.43 21.55
CA LEU A 128 11.44 -4.40 21.13
C LEU A 128 11.90 -5.26 22.33
N ILE A 129 12.20 -4.57 23.48
CA ILE A 129 12.62 -5.18 24.75
C ILE A 129 11.49 -6.08 25.32
N ASP A 130 10.28 -5.54 25.39
CA ASP A 130 9.12 -6.31 25.86
C ASP A 130 8.80 -7.50 24.94
N PHE A 131 8.91 -7.36 23.60
CA PHE A 131 8.65 -8.47 22.68
C PHE A 131 9.58 -9.64 22.96
N TRP A 132 10.90 -9.35 23.00
CA TRP A 132 12.03 -10.28 23.20
C TRP A 132 11.98 -10.95 24.58
N ASP A 133 11.86 -10.14 25.64
CA ASP A 133 11.86 -10.62 27.03
C ASP A 133 10.52 -11.03 27.61
N LYS A 134 9.43 -10.35 27.23
CA LYS A 134 8.15 -10.55 27.94
C LYS A 134 7.06 -11.24 27.16
N VAL A 135 7.24 -11.39 25.86
CA VAL A 135 6.30 -12.03 24.96
C VAL A 135 6.86 -13.38 24.48
N LEU A 136 8.04 -13.38 23.84
CA LEU A 136 8.62 -14.63 23.34
C LEU A 136 8.98 -15.62 24.43
N GLU A 137 8.74 -16.92 24.15
CA GLU A 137 9.16 -18.01 25.02
C GLU A 137 10.68 -18.07 24.84
N GLU A 138 11.41 -18.70 25.79
CA GLU A 138 12.89 -18.82 25.73
C GLU A 138 13.44 -19.29 24.38
N ALA A 139 12.92 -20.43 23.85
CA ALA A 139 13.37 -20.99 22.58
C ALA A 139 13.06 -20.06 21.41
N GLU A 140 11.93 -19.33 21.46
CA GLU A 140 11.58 -18.41 20.36
C GLU A 140 12.54 -17.24 20.35
N ALA A 141 12.83 -16.68 21.54
CA ALA A 141 13.81 -15.61 21.75
C ALA A 141 15.20 -16.09 21.29
N GLN A 142 15.52 -17.38 21.58
CA GLN A 142 16.77 -18.00 21.16
C GLN A 142 16.89 -18.08 19.65
N HIS A 143 15.81 -18.51 18.96
CA HIS A 143 15.80 -18.59 17.49
C HIS A 143 15.96 -17.18 16.86
N LEU A 144 15.33 -16.16 17.45
CA LEU A 144 15.44 -14.77 16.96
C LEU A 144 16.93 -14.27 16.95
N TYR A 145 17.60 -14.32 18.10
CA TYR A 145 18.98 -13.82 18.23
C TYR A 145 20.10 -14.70 17.66
N GLN A 146 19.90 -16.04 17.58
CA GLN A 146 20.90 -16.96 17.05
C GLN A 146 20.76 -17.14 15.54
N SER A 147 19.53 -17.05 15.04
CA SER A 147 19.24 -17.31 13.64
C SER A 147 18.67 -16.13 12.86
N ILE A 148 17.44 -15.66 13.17
CA ILE A 148 16.75 -14.60 12.43
C ILE A 148 17.54 -13.29 12.32
N LEU A 149 17.93 -12.70 13.43
CA LEU A 149 18.65 -11.41 13.49
C LEU A 149 20.01 -11.43 12.79
N PRO A 150 20.90 -12.45 13.01
CA PRO A 150 22.14 -12.51 12.25
C PRO A 150 21.93 -12.68 10.75
N ASP A 151 20.88 -13.44 10.34
CA ASP A 151 20.55 -13.66 8.92
C ASP A 151 20.03 -12.37 8.30
N MET A 152 19.30 -11.57 9.10
CA MET A 152 18.83 -10.25 8.68
C MET A 152 20.02 -9.30 8.53
N VAL A 153 21.00 -9.38 9.44
CA VAL A 153 22.21 -8.53 9.39
C VAL A 153 22.98 -8.80 8.09
N LYS A 154 23.19 -10.08 7.74
CA LYS A 154 23.93 -10.50 6.55
C LYS A 154 23.28 -10.05 5.26
N ILE A 155 21.95 -10.12 5.17
CA ILE A 155 21.23 -9.64 3.98
C ILE A 155 21.26 -8.10 3.91
N ALA A 156 21.17 -7.42 5.07
CA ALA A 156 21.24 -5.96 5.14
C ALA A 156 22.65 -5.52 4.66
N LEU A 157 23.71 -6.18 5.16
CA LEU A 157 25.10 -5.88 4.83
C LEU A 157 25.53 -6.25 3.43
N CYS A 158 24.73 -7.10 2.75
CA CYS A 158 24.89 -7.52 1.36
C CYS A 158 24.37 -6.46 0.39
N LEU A 159 23.72 -5.38 0.92
CA LEU A 159 23.13 -4.31 0.11
C LEU A 159 23.97 -3.88 -1.12
N PRO A 160 25.28 -3.54 -1.02
CA PRO A 160 26.02 -3.11 -2.23
C PRO A 160 26.14 -4.14 -3.36
N ASN A 161 26.01 -5.45 -3.06
CA ASN A 161 26.11 -6.54 -4.03
C ASN A 161 24.74 -6.86 -4.61
N ILE A 162 23.68 -6.56 -3.85
CA ILE A 162 22.30 -6.89 -4.22
C ILE A 162 21.65 -5.72 -4.92
N CYS A 163 21.70 -4.49 -4.32
CA CYS A 163 21.11 -3.29 -4.91
C CYS A 163 22.20 -2.49 -5.56
N THR A 164 22.61 -2.94 -6.74
CA THR A 164 23.71 -2.31 -7.45
C THR A 164 23.35 -1.03 -8.24
N GLN A 165 22.07 -0.87 -8.63
CA GLN A 165 21.62 0.27 -9.44
C GLN A 165 20.98 1.36 -8.59
N PRO A 166 21.32 2.65 -8.83
CA PRO A 166 20.65 3.73 -8.06
C PRO A 166 19.12 3.67 -8.23
N ILE A 167 18.36 3.82 -7.12
CA ILE A 167 16.90 3.82 -7.13
C ILE A 167 16.36 5.24 -7.24
N PRO A 168 15.65 5.61 -8.33
CA PRO A 168 15.11 6.96 -8.41
C PRO A 168 13.90 7.13 -7.50
N LEU A 169 13.75 8.34 -6.97
CA LEU A 169 12.63 8.68 -6.12
C LEU A 169 11.43 8.83 -7.03
N LEU A 170 10.30 8.25 -6.63
CA LEU A 170 9.04 8.38 -7.36
C LEU A 170 8.45 9.66 -6.78
N ALA A 171 8.91 10.79 -7.33
CA ALA A 171 8.55 12.12 -6.86
C ALA A 171 7.24 12.61 -7.42
N ALA A 172 6.66 13.64 -6.77
CA ALA A 172 5.43 14.28 -7.19
C ALA A 172 5.40 14.57 -8.70
N ALA A 173 4.32 14.14 -9.35
CA ALA A 173 4.03 14.33 -10.77
C ALA A 173 4.84 13.46 -11.71
N MET A 174 5.62 12.51 -11.17
CA MET A 174 6.37 11.60 -12.02
C MET A 174 5.47 10.48 -12.45
N ASN A 175 5.60 10.10 -13.71
CA ASN A 175 4.88 8.94 -14.23
C ASN A 175 6.00 8.00 -14.51
N HIS A 176 6.35 7.21 -13.48
CA HIS A 176 7.52 6.35 -13.50
C HIS A 176 7.28 5.01 -12.78
N SER A 177 7.98 3.97 -13.23
CA SER A 177 7.94 2.61 -12.67
C SER A 177 9.32 2.18 -12.27
N ILE A 178 9.37 1.31 -11.26
CA ILE A 178 10.55 0.65 -10.73
C ILE A 178 10.22 -0.85 -10.63
N THR A 179 10.99 -1.69 -11.33
CA THR A 179 10.91 -3.14 -11.27
C THR A 179 12.22 -3.61 -10.67
N MET A 180 12.12 -4.26 -9.49
CA MET A 180 13.23 -4.82 -8.70
C MET A 180 12.85 -6.21 -8.24
N SER A 181 13.83 -6.96 -7.74
CA SER A 181 13.57 -8.32 -7.27
C SER A 181 13.08 -8.31 -5.82
N GLN A 182 12.40 -9.38 -5.40
CA GLN A 182 11.94 -9.54 -4.02
C GLN A 182 13.17 -9.66 -3.11
N GLU A 183 14.30 -10.21 -3.65
CA GLU A 183 15.56 -10.36 -2.91
C GLU A 183 16.13 -8.97 -2.59
N GLN A 184 16.14 -8.09 -3.58
CA GLN A 184 16.57 -6.70 -3.47
C GLN A 184 15.68 -5.99 -2.44
N ILE A 185 14.35 -6.21 -2.51
CA ILE A 185 13.43 -5.64 -1.50
C ILE A 185 13.77 -6.12 -0.09
N ALA A 186 14.07 -7.42 0.09
CA ALA A 186 14.46 -7.99 1.39
C ALA A 186 15.72 -7.37 1.95
N SER A 187 16.73 -7.07 1.08
CA SER A 187 17.97 -6.43 1.55
C SER A 187 17.66 -5.02 2.08
N LEU A 188 16.80 -4.27 1.33
CA LEU A 188 16.41 -2.90 1.69
C LEU A 188 15.53 -2.89 2.94
N LEU A 189 14.54 -3.82 3.04
CA LEU A 189 13.72 -3.88 4.26
C LEU A 189 14.53 -4.31 5.48
N ALA A 190 15.59 -5.13 5.29
CA ALA A 190 16.49 -5.51 6.42
C ALA A 190 17.21 -4.24 6.90
N ASN A 191 17.62 -3.38 5.96
CA ASN A 191 18.25 -2.11 6.30
C ASN A 191 17.28 -1.18 7.03
N ALA A 192 16.01 -1.14 6.59
CA ALA A 192 14.99 -0.29 7.22
C ALA A 192 14.74 -0.73 8.68
N PHE A 193 14.74 -2.06 8.95
CA PHE A 193 14.59 -2.67 10.28
C PHE A 193 15.72 -2.19 11.18
N PHE A 194 16.94 -2.15 10.66
CA PHE A 194 18.09 -1.71 11.45
C PHE A 194 18.28 -0.21 11.44
N CYS A 195 17.36 0.52 10.81
CA CYS A 195 17.33 2.00 10.79
C CYS A 195 18.59 2.63 10.18
N THR A 196 19.08 2.01 9.11
CA THR A 196 20.31 2.46 8.45
C THR A 196 20.10 3.53 7.41
N PHE A 197 18.85 3.80 7.00
CA PHE A 197 18.68 4.78 5.92
C PHE A 197 19.03 6.19 6.36
N PRO A 198 20.04 6.83 5.74
CA PRO A 198 20.40 8.19 6.17
C PRO A 198 19.45 9.27 5.65
N ARG A 199 19.39 10.42 6.36
CA ARG A 199 18.53 11.58 6.01
C ARG A 199 17.04 11.33 6.16
N ARG A 200 16.66 10.22 6.79
CA ARG A 200 15.26 9.83 6.93
C ARG A 200 14.74 9.87 8.38
N ASN A 201 15.44 10.55 9.29
CA ASN A 201 15.11 10.53 10.70
C ASN A 201 14.66 11.84 11.38
N ALA A 202 15.18 12.98 10.91
CA ALA A 202 14.93 14.27 11.53
C ALA A 202 13.49 14.78 11.44
N LYS A 203 12.97 15.33 12.56
CA LYS A 203 11.61 15.88 12.61
C LYS A 203 11.52 17.14 11.75
N MET A 204 12.64 17.90 11.70
CA MET A 204 12.83 19.16 10.98
C MET A 204 13.53 18.98 9.61
N LYS A 205 13.60 17.71 9.09
CA LYS A 205 14.20 17.38 7.79
C LYS A 205 13.39 18.05 6.68
N SER A 206 14.09 18.55 5.66
CA SER A 206 13.45 19.24 4.54
C SER A 206 13.37 18.34 3.31
N GLU A 207 14.52 17.75 2.91
CA GLU A 207 14.65 16.89 1.74
C GLU A 207 13.68 15.74 1.70
N TYR A 208 13.41 15.16 2.86
CA TYR A 208 12.51 14.03 2.92
C TYR A 208 11.26 14.27 3.75
N SER A 209 10.93 15.54 4.02
CA SER A 209 9.72 15.91 4.78
C SER A 209 8.42 15.45 4.08
N SER A 210 8.42 15.40 2.73
CA SER A 210 7.27 14.98 1.92
C SER A 210 7.27 13.46 1.59
N TYR A 211 8.12 12.70 2.27
CA TYR A 211 8.27 11.26 2.12
C TYR A 211 7.83 10.53 3.38
N PRO A 212 7.25 9.30 3.29
CA PRO A 212 6.90 8.59 4.54
C PRO A 212 8.15 8.18 5.32
N ASP A 213 7.96 7.75 6.56
CA ASP A 213 9.07 7.24 7.36
C ASP A 213 9.47 5.91 6.73
N ILE A 214 10.75 5.59 6.73
CA ILE A 214 11.17 4.29 6.19
C ILE A 214 11.77 3.43 7.28
N ASN A 215 12.72 3.99 8.04
CA ASN A 215 13.41 3.28 9.13
C ASN A 215 12.36 2.83 10.12
N PHE A 216 12.57 1.65 10.73
CA PHE A 216 11.58 0.99 11.62
C PHE A 216 11.61 1.38 13.10
N ASN A 217 12.25 2.49 13.48
CA ASN A 217 12.39 2.83 14.90
C ASN A 217 11.07 2.93 15.69
N ARG A 218 9.99 3.44 15.04
CA ARG A 218 8.68 3.54 15.70
C ARG A 218 8.00 2.21 15.99
N LEU A 219 8.41 1.14 15.31
CA LEU A 219 7.91 -0.21 15.61
C LEU A 219 8.41 -0.66 17.00
N PHE A 220 9.54 -0.10 17.45
CA PHE A 220 10.15 -0.48 18.74
C PHE A 220 9.67 0.30 19.96
N GLU A 221 8.88 1.35 19.76
CA GLU A 221 8.45 2.19 20.87
C GLU A 221 7.11 1.79 21.55
N GLY A 222 7.02 2.13 22.83
CA GLY A 222 5.81 1.99 23.65
C GLY A 222 5.35 0.63 24.11
N ARG A 223 4.19 0.60 24.77
N ARG A 223 4.19 0.59 24.78
CA ARG A 223 3.62 -0.63 25.34
CA ARG A 223 3.62 -0.65 25.33
C ARG A 223 2.29 -1.08 24.73
C ARG A 223 2.29 -1.10 24.72
N SER A 224 2.05 -0.78 23.43
CA SER A 224 0.82 -1.21 22.75
C SER A 224 0.86 -2.73 22.61
N SER A 225 -0.27 -3.38 22.96
CA SER A 225 -0.41 -4.83 22.86
C SER A 225 -0.38 -5.29 21.38
N ARG A 226 -0.47 -4.35 20.41
CA ARG A 226 -0.45 -4.69 18.97
C ARG A 226 0.99 -4.73 18.43
N LYS A 227 1.97 -4.16 19.17
CA LYS A 227 3.39 -4.21 18.76
C LYS A 227 3.92 -5.62 18.61
N PRO A 228 3.67 -6.59 19.53
CA PRO A 228 4.17 -7.95 19.29
C PRO A 228 3.54 -8.60 18.06
N GLU A 229 2.29 -8.23 17.72
CA GLU A 229 1.61 -8.80 16.57
C GLU A 229 2.25 -8.33 15.29
N LYS A 230 2.64 -7.04 15.26
CA LYS A 230 3.34 -6.41 14.13
C LYS A 230 4.70 -7.06 13.96
N LEU A 231 5.46 -7.18 15.07
CA LEU A 231 6.80 -7.78 15.08
C LEU A 231 6.76 -9.23 14.65
N LYS A 232 5.80 -10.04 15.17
CA LYS A 232 5.64 -11.43 14.71
C LYS A 232 5.31 -11.50 13.23
N THR A 233 4.47 -10.58 12.75
CA THR A 233 4.12 -10.54 11.34
C THR A 233 5.37 -10.24 10.53
N LEU A 234 6.14 -9.23 10.97
CA LEU A 234 7.39 -8.86 10.29
C LEU A 234 8.51 -9.91 10.37
N PHE A 235 8.75 -10.51 11.55
CA PHE A 235 9.75 -11.55 11.67
C PHE A 235 9.38 -12.83 10.90
N CYS A 236 8.06 -13.11 10.69
CA CYS A 236 7.63 -14.26 9.86
C CYS A 236 8.19 -13.99 8.45
N TYR A 237 8.02 -12.76 7.96
CA TYR A 237 8.55 -12.38 6.64
C TYR A 237 10.07 -12.47 6.59
N PHE A 238 10.77 -11.83 7.58
CA PHE A 238 12.24 -11.84 7.56
C PHE A 238 12.82 -13.25 7.62
N ARG A 239 12.21 -14.13 8.43
CA ARG A 239 12.62 -15.54 8.54
C ARG A 239 12.50 -16.21 7.20
N ARG A 240 11.35 -15.98 6.51
CA ARG A 240 11.07 -16.59 5.22
C ARG A 240 12.09 -16.15 4.17
N VAL A 241 12.29 -14.82 4.03
CA VAL A 241 13.17 -14.31 2.97
C VAL A 241 14.69 -14.46 3.18
N THR A 242 15.14 -14.71 4.42
CA THR A 242 16.58 -14.89 4.70
C THR A 242 16.91 -16.38 4.57
N ALA A 243 15.95 -17.25 4.94
CA ALA A 243 16.08 -18.72 4.88
C ALA A 243 16.13 -19.24 3.45
N ALA A 244 15.34 -18.63 2.57
CA ALA A 244 15.24 -19.03 1.17
C ALA A 244 14.98 -17.79 0.32
N ALA A 245 15.99 -17.35 -0.44
CA ALA A 245 15.90 -16.18 -1.31
C ALA A 245 14.67 -16.20 -2.21
N PRO A 246 13.75 -15.21 -2.13
CA PRO A 246 12.59 -15.22 -3.05
C PRO A 246 13.09 -14.97 -4.48
N THR A 247 12.33 -15.43 -5.46
CA THR A 247 12.78 -15.42 -6.87
C THR A 247 12.09 -14.45 -7.80
N GLY A 248 10.97 -13.88 -7.37
CA GLY A 248 10.18 -13.02 -8.23
C GLY A 248 10.59 -11.56 -8.26
N LEU A 249 9.82 -10.75 -9.02
CA LEU A 249 10.00 -9.30 -9.17
C LEU A 249 8.76 -8.61 -8.68
N VAL A 250 8.87 -7.29 -8.42
CA VAL A 250 7.80 -6.40 -7.95
C VAL A 250 7.96 -5.08 -8.69
N THR A 251 6.83 -4.56 -9.22
CA THR A 251 6.77 -3.25 -9.91
C THR A 251 6.03 -2.23 -9.03
N PHE A 252 6.59 -1.03 -8.97
CA PHE A 252 6.05 0.13 -8.28
C PHE A 252 5.93 1.22 -9.35
N THR A 253 4.69 1.64 -9.60
CA THR A 253 4.32 2.65 -10.58
C THR A 253 3.57 3.80 -9.95
N ARG A 254 4.15 5.02 -10.10
CA ARG A 254 3.50 6.25 -9.67
C ARG A 254 2.75 6.74 -10.92
N GLN A 255 1.44 6.98 -10.78
CA GLN A 255 0.60 7.44 -11.90
C GLN A 255 -0.14 8.74 -11.56
N SER A 256 -0.11 9.69 -12.49
CA SER A 256 -0.87 10.93 -12.39
C SER A 256 -1.61 11.15 -13.68
N LEU A 257 -2.83 11.68 -13.60
CA LEU A 257 -3.57 11.95 -14.83
C LEU A 257 -3.63 13.45 -15.08
N GLU A 258 -3.29 13.87 -16.31
CA GLU A 258 -3.33 15.28 -16.69
C GLU A 258 -4.78 15.74 -16.87
N ASP A 259 -5.58 14.96 -17.63
CA ASP A 259 -6.97 15.28 -17.95
C ASP A 259 -7.98 14.41 -17.25
N PHE A 260 -8.80 15.03 -16.42
CA PHE A 260 -9.85 14.36 -15.71
C PHE A 260 -11.19 14.50 -16.41
N PRO A 261 -12.14 13.57 -16.23
CA PRO A 261 -13.43 13.71 -16.92
C PRO A 261 -14.25 14.89 -16.40
N GLU A 262 -15.11 15.42 -17.27
CA GLU A 262 -16.07 16.48 -16.94
C GLU A 262 -17.27 15.62 -16.54
N TRP A 263 -17.31 15.24 -15.26
CA TRP A 263 -18.26 14.32 -14.66
C TRP A 263 -19.73 14.52 -15.04
N GLU A 264 -20.23 15.76 -14.93
CA GLU A 264 -21.61 16.14 -15.25
C GLU A 264 -22.00 15.79 -16.69
N ARG A 265 -21.00 15.72 -17.58
CA ARG A 265 -21.11 15.43 -19.02
C ARG A 265 -20.90 13.96 -19.43
N CSO A 266 -20.44 13.09 -18.51
CA CSO A 266 -20.14 11.68 -18.79
CB CSO A 266 -19.46 10.98 -17.61
SG CSO A 266 -18.64 9.47 -18.11
C CSO A 266 -21.35 10.86 -19.19
O CSO A 266 -22.21 10.60 -18.34
OD CSO A 266 -17.45 10.05 -18.95
N GLU A 267 -21.35 10.38 -20.44
CA GLU A 267 -22.43 9.57 -21.05
C GLU A 267 -22.27 8.06 -20.86
N LYS A 268 -21.16 7.64 -20.29
CA LYS A 268 -20.87 6.23 -20.03
C LYS A 268 -21.89 5.62 -19.06
N PRO A 269 -22.36 4.37 -19.30
CA PRO A 269 -23.31 3.77 -18.36
C PRO A 269 -22.57 3.15 -17.16
N LEU A 270 -23.33 2.74 -16.15
CA LEU A 270 -22.75 2.07 -15.01
C LEU A 270 -22.29 0.69 -15.48
N THR A 271 -21.29 0.14 -14.79
CA THR A 271 -20.76 -1.20 -15.07
C THR A 271 -21.41 -2.16 -14.09
N ARG A 272 -20.92 -3.41 -14.01
CA ARG A 272 -21.51 -4.43 -13.13
C ARG A 272 -21.06 -4.36 -11.68
N LEU A 273 -21.90 -4.84 -10.75
CA LEU A 273 -21.56 -4.85 -9.32
C LEU A 273 -21.81 -6.22 -8.70
N HIS A 274 -20.84 -6.68 -7.90
CA HIS A 274 -20.93 -7.82 -7.01
C HIS A 274 -20.70 -7.20 -5.64
N VAL A 275 -21.69 -7.29 -4.75
CA VAL A 275 -21.56 -6.72 -3.40
C VAL A 275 -21.84 -7.85 -2.39
N THR A 276 -20.99 -7.97 -1.35
CA THR A 276 -21.07 -9.05 -0.38
C THR A 276 -20.59 -8.60 1.01
N TYR A 277 -21.22 -9.15 2.07
CA TYR A 277 -20.84 -8.90 3.47
C TYR A 277 -19.82 -9.91 4.01
N GLU A 278 -19.47 -10.90 3.19
CA GLU A 278 -18.51 -11.92 3.55
C GLU A 278 -17.30 -11.81 2.63
N GLY A 279 -16.18 -12.39 3.04
CA GLY A 279 -14.98 -12.37 2.23
C GLY A 279 -14.07 -11.18 2.44
N THR A 280 -12.87 -11.25 1.84
CA THR A 280 -11.86 -10.21 1.94
C THR A 280 -11.30 -9.86 0.56
N ILE A 281 -10.68 -8.70 0.46
CA ILE A 281 -10.06 -8.25 -0.77
C ILE A 281 -8.93 -9.20 -1.18
N GLU A 282 -8.04 -9.61 -0.24
CA GLU A 282 -6.89 -10.46 -0.54
C GLU A 282 -7.18 -11.89 -0.96
N GLU A 283 -8.20 -12.51 -0.39
CA GLU A 283 -8.54 -13.89 -0.67
C GLU A 283 -9.58 -13.99 -1.78
N ASN A 284 -10.64 -13.17 -1.67
CA ASN A 284 -11.77 -13.23 -2.59
C ASN A 284 -11.67 -12.29 -3.79
N GLY A 285 -10.63 -11.46 -3.79
CA GLY A 285 -10.33 -10.54 -4.88
C GLY A 285 -9.11 -10.94 -5.69
N GLN A 286 -8.80 -12.25 -5.76
CA GLN A 286 -7.65 -12.78 -6.53
C GLN A 286 -7.80 -12.45 -8.02
N GLY A 287 -6.73 -11.95 -8.62
CA GLY A 287 -6.70 -11.52 -10.02
C GLY A 287 -7.45 -10.21 -10.29
N MET A 288 -7.81 -9.48 -9.25
CA MET A 288 -8.54 -8.24 -9.45
C MET A 288 -7.72 -7.06 -9.02
N LEU A 289 -8.07 -5.86 -9.49
CA LEU A 289 -7.37 -4.66 -9.04
C LEU A 289 -7.78 -4.43 -7.59
N GLN A 290 -6.85 -4.67 -6.66
CA GLN A 290 -7.13 -4.56 -5.23
C GLN A 290 -6.87 -3.19 -4.66
N VAL A 291 -7.91 -2.59 -4.10
CA VAL A 291 -7.78 -1.26 -3.53
C VAL A 291 -7.16 -1.32 -2.13
N ASP A 292 -6.18 -0.44 -1.91
CA ASP A 292 -5.55 -0.22 -0.63
C ASP A 292 -6.09 1.18 -0.17
N PHE A 293 -6.87 1.22 0.93
CA PHE A 293 -7.41 2.49 1.45
C PHE A 293 -6.25 3.22 2.14
N ALA A 294 -5.49 3.91 1.33
CA ALA A 294 -4.23 4.51 1.72
C ALA A 294 -4.24 5.84 2.41
N ASN A 295 -3.11 6.14 3.10
N ASN A 295 -3.12 6.12 3.06
CA ASN A 295 -2.85 7.48 3.62
CA ASN A 295 -2.81 7.38 3.69
C ASN A 295 -2.05 8.09 2.49
C ASN A 295 -1.91 8.07 2.64
N ARG A 296 -2.04 9.42 2.41
CA ARG A 296 -1.26 10.16 1.38
C ARG A 296 0.25 9.83 1.44
N PHE A 297 0.80 9.58 2.65
CA PHE A 297 2.16 9.06 2.83
C PHE A 297 1.89 7.54 2.86
N VAL A 298 2.06 6.84 1.70
CA VAL A 298 1.74 5.41 1.50
C VAL A 298 2.20 4.54 2.68
N GLY A 299 1.35 3.63 3.15
CA GLY A 299 1.66 2.76 4.28
C GLY A 299 1.14 3.19 5.64
N GLY A 300 0.72 4.44 5.76
CA GLY A 300 0.17 4.97 7.02
C GLY A 300 1.08 4.73 8.19
N GLY A 301 0.52 4.13 9.24
CA GLY A 301 1.28 3.82 10.45
C GLY A 301 1.80 2.41 10.56
N VAL A 302 2.17 1.78 9.42
CA VAL A 302 2.70 0.40 9.37
C VAL A 302 3.83 0.14 10.33
N THR A 303 4.85 1.00 10.31
CA THR A 303 6.00 0.84 11.21
C THR A 303 5.95 1.80 12.39
N SER A 304 4.73 2.21 12.77
CA SER A 304 4.45 3.02 13.94
C SER A 304 3.23 2.46 14.68
N ALA A 305 2.16 3.23 14.85
CA ALA A 305 0.96 2.82 15.60
C ALA A 305 -0.24 2.23 14.84
N GLY A 306 -0.58 2.82 13.69
CA GLY A 306 -1.73 2.38 12.88
C GLY A 306 -1.81 0.89 12.59
N LEU A 307 -3.04 0.37 12.52
CA LEU A 307 -3.28 -1.04 12.28
C LEU A 307 -4.68 -1.30 11.71
N VAL A 308 -5.04 -0.50 10.72
CA VAL A 308 -6.30 -0.69 10.01
C VAL A 308 -6.07 -1.25 8.61
N GLN A 309 -7.05 -1.14 7.68
CA GLN A 309 -6.94 -1.75 6.34
C GLN A 309 -5.58 -1.66 5.64
N GLU A 310 -5.00 -0.48 5.52
CA GLU A 310 -3.70 -0.32 4.85
C GLU A 310 -2.55 -0.98 5.61
N GLU A 311 -2.46 -0.74 6.94
CA GLU A 311 -1.33 -1.24 7.74
C GLU A 311 -1.30 -2.74 7.74
N ILE A 312 -2.48 -3.36 7.88
CA ILE A 312 -2.59 -4.82 7.82
C ILE A 312 -2.11 -5.33 6.46
N ARG A 313 -2.48 -4.67 5.34
CA ARG A 313 -1.99 -5.19 4.05
C ARG A 313 -0.47 -5.08 3.94
N PHE A 314 0.09 -3.96 4.43
CA PHE A 314 1.55 -3.74 4.40
C PHE A 314 2.30 -4.70 5.32
N LEU A 315 1.64 -5.27 6.35
CA LEU A 315 2.26 -6.22 7.27
C LEU A 315 2.23 -7.64 6.69
N ILE A 316 1.13 -8.01 6.01
CA ILE A 316 1.00 -9.36 5.44
C ILE A 316 1.74 -9.49 4.12
N ASN A 317 1.88 -8.38 3.39
CA ASN A 317 2.66 -8.31 2.16
C ASN A 317 3.73 -7.27 2.44
N PRO A 318 4.80 -7.62 3.20
CA PRO A 318 5.82 -6.61 3.55
C PRO A 318 6.54 -5.91 2.42
N GLU A 319 6.54 -6.49 1.21
CA GLU A 319 7.18 -5.86 0.07
C GLU A 319 6.56 -4.51 -0.27
N LEU A 320 5.27 -4.30 0.13
CA LEU A 320 4.57 -3.03 -0.02
C LEU A 320 5.28 -1.90 0.76
N ILE A 321 5.87 -2.20 1.96
CA ILE A 321 6.55 -1.22 2.85
C ILE A 321 7.66 -0.45 2.18
N ILE A 322 8.39 -1.11 1.27
CA ILE A 322 9.53 -0.54 0.58
C ILE A 322 9.11 0.62 -0.32
N SER A 323 7.79 0.68 -0.67
CA SER A 323 7.30 1.81 -1.42
C SER A 323 7.62 3.11 -0.67
N ARG A 324 7.69 3.03 0.69
CA ARG A 324 7.96 4.16 1.59
C ARG A 324 9.35 4.74 1.45
N LEU A 325 10.29 3.91 0.91
CA LEU A 325 11.64 4.34 0.67
C LEU A 325 11.69 5.39 -0.45
N PHE A 326 10.89 5.23 -1.52
CA PHE A 326 10.97 6.08 -2.71
C PHE A 326 9.71 6.85 -3.12
N THR A 327 8.54 6.58 -2.49
CA THR A 327 7.28 7.23 -2.89
C THR A 327 6.95 8.50 -2.12
N GLU A 328 6.97 9.62 -2.84
CA GLU A 328 6.62 10.90 -2.25
C GLU A 328 5.12 10.90 -1.97
N VAL A 329 4.71 11.67 -0.93
CA VAL A 329 3.34 11.88 -0.54
C VAL A 329 2.52 12.12 -1.81
N LEU A 330 1.43 11.40 -1.95
CA LEU A 330 0.58 11.52 -3.12
C LEU A 330 -0.19 12.85 -3.17
N ASP A 331 -0.21 13.47 -4.34
CA ASP A 331 -1.02 14.66 -4.59
C ASP A 331 -2.39 14.15 -5.01
N HIS A 332 -3.40 15.05 -5.01
CA HIS A 332 -4.80 14.75 -5.33
C HIS A 332 -5.01 13.96 -6.64
N ASN A 333 -4.16 14.16 -7.67
CA ASN A 333 -4.30 13.49 -8.96
C ASN A 333 -3.39 12.26 -9.11
N GLU A 334 -2.81 11.77 -8.01
CA GLU A 334 -1.87 10.66 -8.11
C GLU A 334 -2.28 9.42 -7.35
N CYS A 335 -1.75 8.26 -7.79
CA CYS A 335 -1.88 6.95 -7.15
C CYS A 335 -0.54 6.16 -7.27
N LEU A 336 -0.41 5.07 -6.53
CA LEU A 336 0.72 4.15 -6.62
C LEU A 336 0.15 2.74 -6.89
N ILE A 337 0.64 2.08 -7.96
CA ILE A 337 0.19 0.77 -8.39
C ILE A 337 1.33 -0.22 -8.11
N ILE A 338 1.06 -1.23 -7.27
CA ILE A 338 2.11 -2.19 -6.89
C ILE A 338 1.69 -3.55 -7.36
N THR A 339 2.51 -4.15 -8.21
CA THR A 339 2.29 -5.45 -8.84
C THR A 339 3.39 -6.43 -8.46
N GLY A 340 3.00 -7.56 -7.91
CA GLY A 340 3.90 -8.65 -7.58
C GLY A 340 4.19 -8.90 -6.12
N THR A 341 3.57 -8.14 -5.19
CA THR A 341 3.85 -8.41 -3.78
C THR A 341 3.25 -9.75 -3.39
N GLU A 342 3.98 -10.44 -2.52
CA GLU A 342 3.66 -11.77 -2.04
C GLU A 342 3.12 -11.70 -0.62
N GLN A 343 2.14 -12.60 -0.30
CA GLN A 343 1.55 -12.70 1.02
C GLN A 343 2.34 -13.73 1.84
N TYR A 344 2.97 -13.30 2.94
CA TYR A 344 3.81 -14.15 3.80
C TYR A 344 3.13 -14.56 5.10
N SER A 345 2.06 -13.82 5.51
CA SER A 345 1.34 -14.10 6.75
C SER A 345 -0.16 -14.17 6.60
N GLU A 346 -0.77 -14.95 7.50
CA GLU A 346 -2.21 -15.02 7.71
C GLU A 346 -2.48 -14.35 9.02
N TYR A 347 -3.66 -13.77 9.15
CA TYR A 347 -3.95 -13.01 10.35
C TYR A 347 -5.41 -13.22 10.81
N THR A 348 -5.73 -12.75 12.03
CA THR A 348 -7.11 -12.72 12.56
C THR A 348 -7.36 -11.32 13.08
N GLY A 349 -8.62 -10.95 13.23
CA GLY A 349 -8.99 -9.63 13.73
C GLY A 349 -8.64 -8.49 12.80
N TYR A 350 -8.72 -7.28 13.33
CA TYR A 350 -8.55 -5.99 12.68
C TYR A 350 -8.33 -5.03 13.82
N ALA A 351 -7.58 -3.94 13.57
CA ALA A 351 -7.27 -2.90 14.55
C ALA A 351 -6.74 -3.41 15.92
N GLU A 352 -7.44 -3.11 17.02
CA GLU A 352 -7.05 -3.51 18.38
C GLU A 352 -7.12 -5.04 18.60
N THR A 353 -7.81 -5.78 17.69
CA THR A 353 -7.93 -7.23 17.76
C THR A 353 -7.01 -7.95 16.77
N TYR A 354 -6.25 -7.21 15.98
CA TYR A 354 -5.35 -7.83 15.00
C TYR A 354 -4.35 -8.74 15.68
N ARG A 355 -4.25 -9.99 15.20
CA ARG A 355 -3.26 -10.97 15.66
C ARG A 355 -2.68 -11.69 14.46
N TRP A 356 -1.34 -11.93 14.48
CA TRP A 356 -0.64 -12.73 13.47
C TRP A 356 -1.04 -14.19 13.74
N SER A 357 -1.40 -14.93 12.69
CA SER A 357 -1.86 -16.34 12.83
C SER A 357 -0.79 -17.34 12.60
N ARG A 358 -0.24 -17.37 11.38
CA ARG A 358 0.73 -18.35 10.92
C ARG A 358 1.37 -17.83 9.66
N SER A 359 2.38 -18.55 9.13
CA SER A 359 3.02 -18.23 7.85
C SER A 359 2.05 -18.60 6.73
N HIS A 360 2.04 -17.82 5.67
CA HIS A 360 1.19 -18.07 4.52
C HIS A 360 2.04 -18.41 3.29
N GLU A 361 1.74 -19.56 2.66
CA GLU A 361 2.40 -20.00 1.43
C GLU A 361 1.61 -19.45 0.26
N ASP A 362 2.08 -18.32 -0.32
CA ASP A 362 1.38 -17.66 -1.40
C ASP A 362 1.29 -18.58 -2.64
N GLY A 363 0.06 -18.92 -3.02
CA GLY A 363 -0.20 -19.78 -4.16
C GLY A 363 -0.42 -19.04 -5.48
N SER A 364 -0.35 -17.66 -5.46
CA SER A 364 -0.54 -16.85 -6.67
C SER A 364 0.43 -17.29 -7.75
N GLU A 365 -0.04 -17.30 -9.02
CA GLU A 365 0.76 -17.62 -10.17
C GLU A 365 1.59 -16.39 -10.43
N ARG A 366 2.68 -16.55 -11.20
CA ARG A 366 3.53 -15.43 -11.56
C ARG A 366 3.32 -15.12 -13.01
N ASP A 367 3.44 -13.84 -13.37
CA ASP A 367 3.25 -13.40 -14.74
C ASP A 367 4.58 -13.54 -15.55
N ASP A 368 4.58 -13.04 -16.80
CA ASP A 368 5.75 -13.09 -17.70
C ASP A 368 6.99 -12.36 -17.19
N TRP A 369 6.82 -11.52 -16.16
CA TRP A 369 7.92 -10.77 -15.54
C TRP A 369 8.27 -11.35 -14.18
N GLN A 370 7.86 -12.59 -13.91
CA GLN A 370 8.07 -13.28 -12.62
C GLN A 370 7.42 -12.53 -11.44
N ARG A 371 6.35 -11.76 -11.72
CA ARG A 371 5.64 -11.05 -10.64
C ARG A 371 4.42 -11.83 -10.24
N ARG A 372 4.19 -11.99 -8.92
CA ARG A 372 2.95 -12.62 -8.44
C ARG A 372 1.78 -11.83 -9.07
N CYS A 373 0.74 -12.53 -9.53
CA CYS A 373 -0.42 -11.90 -10.16
C CYS A 373 -1.38 -11.29 -9.14
N THR A 374 -0.85 -10.27 -8.44
CA THR A 374 -1.50 -9.51 -7.38
C THR A 374 -1.23 -8.03 -7.63
N GLU A 375 -2.27 -7.29 -8.08
CA GLU A 375 -2.19 -5.85 -8.37
C GLU A 375 -2.96 -5.08 -7.32
N ILE A 376 -2.23 -4.23 -6.60
CA ILE A 376 -2.72 -3.39 -5.51
C ILE A 376 -2.57 -1.92 -5.91
N VAL A 377 -3.60 -1.12 -5.68
CA VAL A 377 -3.54 0.31 -5.93
C VAL A 377 -3.78 1.10 -4.62
N ALA A 378 -2.84 1.99 -4.27
CA ALA A 378 -2.93 2.89 -3.13
C ALA A 378 -3.55 4.20 -3.62
N ILE A 379 -4.75 4.51 -3.08
CA ILE A 379 -5.53 5.71 -3.29
C ILE A 379 -6.00 6.20 -1.93
N ASP A 380 -5.59 7.41 -1.60
CA ASP A 380 -5.88 8.01 -0.32
C ASP A 380 -7.15 8.82 -0.36
N ALA A 381 -8.14 8.49 0.49
CA ALA A 381 -9.37 9.29 0.56
C ALA A 381 -9.10 10.52 1.40
N LEU A 382 -9.98 11.54 1.28
CA LEU A 382 -9.87 12.75 2.07
C LEU A 382 -10.35 12.47 3.48
N HIS A 383 -9.86 13.28 4.40
CA HIS A 383 -10.22 13.27 5.81
C HIS A 383 -11.18 14.47 5.99
N PHE A 384 -12.37 14.22 6.55
CA PHE A 384 -13.36 15.27 6.74
C PHE A 384 -13.53 15.68 8.20
N ARG A 385 -13.19 16.96 8.52
CA ARG A 385 -13.31 17.56 9.85
C ARG A 385 -14.76 17.48 10.33
N ARG A 386 -15.70 17.70 9.39
CA ARG A 386 -17.14 17.66 9.61
C ARG A 386 -17.78 16.77 8.57
N TYR A 387 -18.84 16.06 8.95
CA TYR A 387 -19.54 15.13 8.10
C TYR A 387 -19.99 15.73 6.76
N LEU A 388 -20.65 16.90 6.78
CA LEU A 388 -21.16 17.57 5.57
C LEU A 388 -20.12 18.08 4.57
N ASP A 389 -18.82 18.20 4.97
CA ASP A 389 -17.72 18.64 4.09
C ASP A 389 -17.59 17.80 2.81
N GLN A 390 -17.76 16.46 2.92
CA GLN A 390 -17.64 15.52 1.80
C GLN A 390 -18.64 15.68 0.68
N PHE A 391 -19.78 16.33 0.93
CA PHE A 391 -20.80 16.55 -0.10
C PHE A 391 -20.53 17.80 -0.97
N VAL A 392 -19.51 18.59 -0.62
CA VAL A 392 -19.14 19.79 -1.37
C VAL A 392 -18.66 19.35 -2.78
N PRO A 393 -19.18 19.94 -3.89
CA PRO A 393 -18.80 19.46 -5.23
C PRO A 393 -17.33 19.31 -5.49
N GLU A 394 -16.49 20.24 -5.00
CA GLU A 394 -15.01 20.19 -5.10
C GLU A 394 -14.48 18.90 -4.44
N LYS A 395 -14.99 18.56 -3.23
CA LYS A 395 -14.66 17.40 -2.42
C LYS A 395 -15.11 16.09 -3.09
N MET A 396 -16.32 16.08 -3.70
CA MET A 396 -16.85 14.93 -4.45
C MET A 396 -16.07 14.69 -5.73
N ARG A 397 -15.73 15.78 -6.50
CA ARG A 397 -14.93 15.69 -7.72
C ARG A 397 -13.54 15.12 -7.41
N ARG A 398 -12.94 15.58 -6.30
CA ARG A 398 -11.62 15.14 -5.81
C ARG A 398 -11.62 13.62 -5.62
N GLU A 399 -12.62 13.10 -4.89
CA GLU A 399 -12.74 11.65 -4.62
C GLU A 399 -12.94 10.82 -5.87
N LEU A 400 -13.81 11.28 -6.77
CA LEU A 400 -14.02 10.67 -8.09
C LEU A 400 -12.70 10.65 -8.90
N ASN A 401 -11.96 11.80 -8.93
CA ASN A 401 -10.70 11.90 -9.68
C ASN A 401 -9.60 11.04 -9.08
N LYS A 402 -9.60 10.89 -7.75
CA LYS A 402 -8.65 10.01 -7.06
C LYS A 402 -8.87 8.57 -7.46
N ALA A 403 -10.11 8.06 -7.28
CA ALA A 403 -10.45 6.67 -7.60
C ALA A 403 -10.29 6.41 -9.10
N TYR A 404 -10.70 7.38 -9.95
CA TYR A 404 -10.54 7.25 -11.41
C TYR A 404 -9.07 7.04 -11.84
N CYS A 405 -8.15 7.83 -11.25
CA CYS A 405 -6.73 7.73 -11.56
C CYS A 405 -6.22 6.36 -11.09
N GLY A 406 -6.75 5.89 -9.96
CA GLY A 406 -6.41 4.58 -9.43
C GLY A 406 -6.89 3.43 -10.30
N PHE A 407 -8.01 3.62 -11.02
CA PHE A 407 -8.60 2.54 -11.83
C PHE A 407 -8.21 2.56 -13.28
N LEU A 408 -8.01 3.76 -13.84
CA LEU A 408 -7.66 3.92 -15.23
C LEU A 408 -6.31 3.34 -15.58
N ARG A 409 -6.26 2.60 -16.69
CA ARG A 409 -5.02 2.03 -17.24
C ARG A 409 -4.89 2.59 -18.66
N PRO A 410 -4.23 3.75 -18.82
CA PRO A 410 -4.10 4.36 -20.16
C PRO A 410 -3.51 3.43 -21.25
N GLY A 411 -4.26 3.28 -22.33
CA GLY A 411 -3.88 2.45 -23.46
C GLY A 411 -4.54 1.08 -23.47
N VAL A 412 -4.78 0.51 -22.26
CA VAL A 412 -5.41 -0.81 -22.08
C VAL A 412 -6.90 -0.73 -22.40
N SER A 413 -7.40 -1.72 -23.16
CA SER A 413 -8.80 -1.83 -23.54
C SER A 413 -9.65 -2.51 -22.47
N SER A 414 -10.92 -2.09 -22.38
CA SER A 414 -11.99 -2.53 -21.46
C SER A 414 -12.00 -4.03 -21.16
N GLU A 415 -11.88 -4.90 -22.19
CA GLU A 415 -11.89 -6.35 -22.02
C GLU A 415 -10.63 -6.93 -21.35
N ASN A 416 -9.54 -6.13 -21.26
CA ASN A 416 -8.31 -6.58 -20.59
C ASN A 416 -8.15 -6.00 -19.19
N LEU A 417 -9.25 -5.47 -18.65
CA LEU A 417 -9.31 -4.85 -17.33
C LEU A 417 -10.14 -5.69 -16.38
N SER A 418 -9.49 -6.16 -15.32
CA SER A 418 -10.11 -6.95 -14.26
C SER A 418 -11.08 -6.07 -13.46
N ALA A 419 -11.98 -6.70 -12.69
CA ALA A 419 -12.89 -5.95 -11.84
C ALA A 419 -12.07 -5.29 -10.73
N VAL A 420 -12.62 -4.25 -10.09
CA VAL A 420 -11.98 -3.56 -8.97
C VAL A 420 -12.49 -4.28 -7.71
N ALA A 421 -11.59 -4.71 -6.81
CA ALA A 421 -11.93 -5.34 -5.52
C ALA A 421 -11.76 -4.24 -4.49
N THR A 422 -12.88 -3.75 -3.96
CA THR A 422 -12.89 -2.63 -3.02
C THR A 422 -13.87 -2.82 -1.85
N GLY A 423 -14.05 -1.77 -1.06
CA GLY A 423 -14.94 -1.72 0.08
C GLY A 423 -15.10 -0.29 0.54
N ASN A 424 -15.37 -0.10 1.86
CA ASN A 424 -15.58 1.22 2.45
C ASN A 424 -14.33 2.06 2.55
N TRP A 425 -13.91 2.64 1.41
CA TRP A 425 -12.78 3.54 1.22
C TRP A 425 -12.98 4.86 1.98
N GLY A 426 -12.02 5.19 2.84
CA GLY A 426 -11.98 6.41 3.63
C GLY A 426 -13.03 6.56 4.71
N CYS A 427 -13.74 5.46 5.01
CA CYS A 427 -14.80 5.42 6.01
C CYS A 427 -14.24 4.83 7.29
N GLY A 428 -14.09 5.71 8.28
CA GLY A 428 -13.56 5.39 9.61
C GLY A 428 -13.17 6.66 10.33
N ALA A 429 -11.87 6.79 10.67
CA ALA A 429 -11.35 7.98 11.36
C ALA A 429 -11.29 9.19 10.40
N PHE A 430 -11.45 8.92 9.09
CA PHE A 430 -11.45 9.92 8.02
C PHE A 430 -12.83 10.60 7.81
N GLY A 431 -13.86 10.01 8.42
CA GLY A 431 -15.23 10.53 8.37
C GLY A 431 -16.04 10.32 7.10
N GLY A 432 -15.59 9.42 6.23
CA GLY A 432 -16.30 9.14 4.98
C GLY A 432 -17.66 8.50 5.20
N ASP A 433 -18.65 8.84 4.34
CA ASP A 433 -20.02 8.27 4.34
C ASP A 433 -19.97 7.06 3.40
N ALA A 434 -20.21 5.86 3.94
CA ALA A 434 -20.10 4.60 3.20
C ALA A 434 -20.95 4.56 1.93
N ARG A 435 -22.18 5.07 2.00
CA ARG A 435 -23.10 5.06 0.87
C ARG A 435 -22.64 6.05 -0.23
N LEU A 436 -22.13 7.22 0.16
CA LEU A 436 -21.62 8.18 -0.82
C LEU A 436 -20.35 7.63 -1.45
N LYS A 437 -19.39 7.16 -0.64
CA LYS A 437 -18.15 6.58 -1.19
C LYS A 437 -18.39 5.39 -2.11
N ALA A 438 -19.42 4.59 -1.87
CA ALA A 438 -19.72 3.44 -2.74
C ALA A 438 -20.15 3.91 -4.11
N LEU A 439 -20.97 4.96 -4.14
CA LEU A 439 -21.43 5.51 -5.42
C LEU A 439 -20.27 6.19 -6.17
N ILE A 440 -19.42 6.96 -5.46
CA ILE A 440 -18.24 7.59 -6.04
C ILE A 440 -17.33 6.53 -6.70
N GLN A 441 -17.08 5.38 -6.04
CA GLN A 441 -16.23 4.31 -6.63
C GLN A 441 -16.93 3.63 -7.78
N ILE A 442 -18.25 3.45 -7.67
CA ILE A 442 -19.08 2.89 -8.76
C ILE A 442 -18.97 3.80 -10.01
N LEU A 443 -19.03 5.12 -9.82
CA LEU A 443 -18.94 6.05 -10.97
C LEU A 443 -17.53 6.09 -11.58
N ALA A 444 -16.47 6.08 -10.74
CA ALA A 444 -15.08 6.10 -11.22
C ALA A 444 -14.71 4.82 -11.97
N ALA A 445 -15.19 3.67 -11.47
CA ALA A 445 -15.00 2.38 -12.12
C ALA A 445 -15.71 2.35 -13.49
N ALA A 446 -16.94 2.93 -13.54
CA ALA A 446 -17.74 3.03 -14.76
C ALA A 446 -17.01 3.85 -15.80
N ALA A 447 -16.49 5.06 -15.41
CA ALA A 447 -15.71 5.91 -16.34
C ALA A 447 -14.43 5.16 -16.74
N ALA A 448 -13.83 4.39 -15.81
CA ALA A 448 -12.64 3.59 -16.12
C ALA A 448 -12.98 2.25 -16.81
N GLU A 449 -14.27 2.01 -17.13
CA GLU A 449 -14.77 0.82 -17.85
C GLU A 449 -14.45 -0.51 -17.16
N ARG A 450 -14.55 -0.52 -15.82
CA ARG A 450 -14.31 -1.72 -15.03
C ARG A 450 -15.52 -2.02 -14.16
N ASP A 451 -15.78 -3.31 -13.89
CA ASP A 451 -16.85 -3.73 -12.97
C ASP A 451 -16.32 -3.57 -11.52
N VAL A 452 -17.22 -3.63 -10.52
CA VAL A 452 -16.88 -3.44 -9.11
C VAL A 452 -17.23 -4.69 -8.29
N VAL A 453 -16.29 -5.12 -7.44
CA VAL A 453 -16.51 -6.20 -6.49
C VAL A 453 -16.32 -5.49 -5.16
N TYR A 454 -17.45 -5.32 -4.41
CA TYR A 454 -17.51 -4.53 -3.18
C TYR A 454 -17.69 -5.36 -1.92
N PHE A 455 -16.74 -5.27 -0.96
CA PHE A 455 -16.78 -6.07 0.27
C PHE A 455 -17.24 -5.18 1.42
N THR A 456 -18.38 -5.53 2.08
CA THR A 456 -18.92 -4.74 3.19
C THR A 456 -18.44 -5.19 4.60
N PHE A 457 -17.67 -6.29 4.68
CA PHE A 457 -17.07 -6.80 5.93
C PHE A 457 -18.02 -6.95 7.13
N GLY A 458 -19.10 -7.71 6.94
CA GLY A 458 -20.10 -8.01 7.97
C GLY A 458 -21.30 -7.10 7.99
N ASP A 459 -21.25 -5.99 7.23
CA ASP A 459 -22.34 -5.04 7.19
C ASP A 459 -23.36 -5.46 6.13
N SER A 460 -24.30 -6.33 6.53
CA SER A 460 -25.34 -6.86 5.63
C SER A 460 -26.32 -5.80 5.07
N GLU A 461 -26.72 -4.82 5.88
CA GLU A 461 -27.62 -3.73 5.46
C GLU A 461 -26.95 -2.87 4.36
N LEU A 462 -25.66 -2.54 4.54
CA LEU A 462 -24.92 -1.78 3.54
C LEU A 462 -24.86 -2.54 2.21
N MET A 463 -24.66 -3.86 2.26
CA MET A 463 -24.66 -4.70 1.04
C MET A 463 -25.96 -4.52 0.27
N ARG A 464 -27.13 -4.60 0.95
N ARG A 464 -27.11 -4.59 0.97
CA ARG A 464 -28.44 -4.43 0.33
CA ARG A 464 -28.45 -4.42 0.41
C ARG A 464 -28.64 -3.01 -0.19
C ARG A 464 -28.67 -3.02 -0.14
N ASP A 465 -28.23 -1.99 0.62
CA ASP A 465 -28.38 -0.58 0.26
C ASP A 465 -27.65 -0.23 -1.03
N ILE A 466 -26.40 -0.68 -1.16
CA ILE A 466 -25.57 -0.46 -2.34
C ILE A 466 -26.15 -1.20 -3.51
N TYR A 467 -26.47 -2.51 -3.32
CA TYR A 467 -27.09 -3.32 -4.36
C TYR A 467 -28.37 -2.64 -4.90
N SER A 468 -29.37 -2.36 -4.01
CA SER A 468 -30.65 -1.76 -4.41
C SER A 468 -30.46 -0.46 -5.17
N MET A 469 -29.51 0.37 -4.73
CA MET A 469 -29.26 1.65 -5.42
C MET A 469 -28.61 1.40 -6.79
N HIS A 470 -27.60 0.49 -6.89
CA HIS A 470 -26.95 0.17 -8.16
C HIS A 470 -27.99 -0.36 -9.16
N ILE A 471 -28.84 -1.33 -8.76
CA ILE A 471 -29.86 -1.90 -9.64
C ILE A 471 -30.92 -0.85 -10.07
N PHE A 472 -31.32 0.07 -9.17
CA PHE A 472 -32.28 1.15 -9.48
C PHE A 472 -31.74 2.09 -10.59
N LEU A 473 -30.48 2.55 -10.45
CA LEU A 473 -29.87 3.43 -11.44
C LEU A 473 -29.58 2.70 -12.74
N THR A 474 -29.16 1.42 -12.66
CA THR A 474 -28.87 0.60 -13.83
C THR A 474 -30.16 0.42 -14.67
N GLU A 475 -31.25 -0.01 -14.01
CA GLU A 475 -32.56 -0.28 -14.65
C GLU A 475 -33.15 0.94 -15.28
N ARG A 476 -32.82 2.13 -14.74
CA ARG A 476 -33.27 3.41 -15.25
C ARG A 476 -32.35 3.99 -16.33
N LYS A 477 -31.22 3.32 -16.59
CA LYS A 477 -30.22 3.69 -17.63
C LYS A 477 -29.54 5.04 -17.33
N LEU A 478 -29.41 5.37 -16.04
CA LEU A 478 -28.78 6.61 -15.59
C LEU A 478 -27.27 6.52 -15.81
N THR A 479 -26.75 7.48 -16.57
CA THR A 479 -25.33 7.56 -16.89
C THR A 479 -24.55 8.07 -15.69
N VAL A 480 -23.21 8.08 -15.79
CA VAL A 480 -22.27 8.64 -14.81
C VAL A 480 -22.62 10.13 -14.60
N GLY A 481 -22.95 10.81 -15.68
CA GLY A 481 -23.34 12.21 -15.67
C GLY A 481 -24.63 12.44 -14.92
N ASP A 482 -25.64 11.59 -15.19
CA ASP A 482 -26.95 11.69 -14.56
C ASP A 482 -26.81 11.49 -13.06
N VAL A 483 -26.02 10.49 -12.64
CA VAL A 483 -25.79 10.18 -11.23
C VAL A 483 -24.99 11.32 -10.56
N TYR A 484 -23.95 11.84 -11.22
CA TYR A 484 -23.16 12.97 -10.69
C TYR A 484 -24.03 14.23 -10.52
N LYS A 485 -24.93 14.50 -11.49
CA LYS A 485 -25.86 15.63 -11.41
C LYS A 485 -26.81 15.47 -10.17
N LEU A 486 -27.19 14.22 -9.82
CA LEU A 486 -28.03 13.98 -8.64
C LEU A 486 -27.23 14.27 -7.36
N LEU A 487 -25.91 13.98 -7.36
CA LEU A 487 -25.08 14.27 -6.19
C LEU A 487 -25.00 15.76 -5.94
N LEU A 488 -24.88 16.57 -7.03
CA LEU A 488 -24.82 18.03 -6.98
C LEU A 488 -26.11 18.63 -6.45
N ARG A 489 -27.26 18.05 -6.83
CA ARG A 489 -28.59 18.48 -6.37
C ARG A 489 -28.72 18.15 -4.89
N TYR A 490 -28.17 17.01 -4.42
CA TYR A 490 -28.21 16.64 -3.00
C TYR A 490 -27.51 17.71 -2.18
N TYR A 491 -26.29 18.09 -2.59
CA TYR A 491 -25.53 19.14 -1.93
C TYR A 491 -26.31 20.45 -1.90
N ASN A 492 -26.85 20.87 -3.07
CA ASN A 492 -27.53 22.14 -3.18
C ASN A 492 -28.77 22.20 -2.26
N GLU A 493 -29.60 21.15 -2.32
CA GLU A 493 -30.84 21.10 -1.55
C GLU A 493 -30.68 20.76 -0.08
N GLU A 494 -29.73 19.88 0.28
CA GLU A 494 -29.57 19.37 1.64
C GLU A 494 -28.30 19.74 2.41
N CYS A 495 -27.22 20.13 1.70
CA CYS A 495 -25.95 20.39 2.37
C CYS A 495 -25.46 21.84 2.40
N ARG A 496 -25.54 22.57 1.26
CA ARG A 496 -25.02 23.95 1.15
C ARG A 496 -25.51 24.92 2.20
N ASN A 497 -26.83 24.98 2.40
CA ASN A 497 -27.44 25.87 3.36
C ASN A 497 -27.95 25.15 4.62
N CSO A 498 -27.26 24.05 5.02
CA CSO A 498 -27.58 23.31 6.23
CB CSO A 498 -27.36 21.79 5.98
SG CSO A 498 -28.04 20.67 7.29
C CSO A 498 -26.60 23.72 7.35
O CSO A 498 -25.39 23.56 7.18
OD CSO A 498 -29.28 21.43 7.80
N SER A 499 -27.12 24.27 8.48
CA SER A 499 -26.28 24.69 9.62
C SER A 499 -26.18 23.61 10.71
N THR A 500 -26.98 22.54 10.59
CA THR A 500 -27.04 21.37 11.47
C THR A 500 -25.90 20.38 11.09
N PRO A 501 -25.23 19.71 12.07
CA PRO A 501 -24.13 18.77 11.72
C PRO A 501 -24.41 17.70 10.65
N GLY A 502 -25.66 17.27 10.56
CA GLY A 502 -26.13 16.28 9.58
C GLY A 502 -27.28 16.81 8.75
N PRO A 503 -27.55 16.24 7.55
CA PRO A 503 -28.69 16.74 6.75
C PRO A 503 -30.02 16.19 7.24
N ASP A 504 -31.13 16.79 6.79
CA ASP A 504 -32.49 16.35 7.17
C ASP A 504 -32.87 15.00 6.52
N ILE A 505 -32.52 14.82 5.24
CA ILE A 505 -32.77 13.57 4.53
C ILE A 505 -31.44 12.99 4.05
N LYS A 506 -31.31 11.66 4.03
CA LYS A 506 -30.09 10.99 3.58
C LYS A 506 -29.96 10.91 2.06
N LEU A 507 -28.72 10.69 1.56
CA LEU A 507 -28.39 10.64 0.14
C LEU A 507 -29.19 9.64 -0.70
N TYR A 508 -29.25 8.35 -0.30
CA TYR A 508 -29.97 7.31 -1.08
C TYR A 508 -31.50 7.59 -1.14
N PRO A 509 -32.19 7.96 -0.02
CA PRO A 509 -33.61 8.34 -0.13
C PRO A 509 -33.85 9.59 -1.01
N PHE A 510 -32.88 10.56 -1.05
CA PHE A 510 -32.97 11.74 -1.93
C PHE A 510 -32.92 11.30 -3.39
N ILE A 511 -31.94 10.45 -3.76
CA ILE A 511 -31.79 9.92 -5.12
C ILE A 511 -33.05 9.17 -5.56
N TYR A 512 -33.58 8.23 -4.75
CA TYR A 512 -34.78 7.48 -5.08
C TYR A 512 -35.94 8.43 -5.34
N HIS A 513 -36.13 9.46 -4.46
CA HIS A 513 -37.20 10.43 -4.60
C HIS A 513 -37.02 11.26 -5.85
N ALA A 514 -35.86 11.89 -6.04
CA ALA A 514 -35.55 12.73 -7.18
C ALA A 514 -35.83 12.03 -8.53
N VAL A 515 -35.44 10.76 -8.66
CA VAL A 515 -35.63 9.96 -9.90
C VAL A 515 -37.09 9.59 -10.10
N GLU A 516 -37.72 9.01 -9.06
CA GLU A 516 -39.12 8.56 -9.12
C GLU A 516 -40.13 9.70 -9.31
N SER A 517 -39.76 10.95 -8.96
CA SER A 517 -40.62 12.13 -9.10
C SER A 517 -40.36 12.91 -10.41
N CYS A 518 -39.30 12.53 -11.15
CA CYS A 518 -38.88 13.14 -12.41
C CYS A 518 -39.77 12.68 -13.57
S DMS B . 29.78 0.43 -1.69
O DMS B . 30.39 -0.05 -0.47
C1 DMS B . 30.48 1.99 -2.29
C2 DMS B . 30.32 -0.64 -3.06
C1 GOL C . 18.11 -4.35 -17.55
O1 GOL C . 18.18 -3.27 -16.62
C2 GOL C . 19.34 -5.20 -17.52
O2 GOL C . 18.73 -6.28 -18.07
C3 GOL C . 20.32 -4.98 -18.67
O3 GOL C . 20.33 -3.64 -19.19
C1 GOL D . -24.52 12.52 -19.42
O1 GOL D . -25.37 11.46 -19.79
C2 GOL D . -25.40 13.72 -19.42
O2 GOL D . -24.59 14.80 -19.88
C3 GOL D . -25.86 13.99 -17.99
O3 GOL D . -27.27 14.25 -18.01
C1 7JB E . -7.16 -5.63 5.69
C2 7JB E . -6.91 -6.33 4.36
C3 7JB E . -6.44 -5.32 3.34
C9 7JB E . -10.45 -6.40 5.14
C10 7JB E . -10.60 -7.57 5.86
C11 7JB E . -11.23 -7.54 7.09
C12 7JB E . -11.79 -6.35 7.59
C13 7JB E . -11.67 -5.16 6.84
C14 7JB E . -10.98 -5.19 5.61
C15 7JB E . -12.24 -3.88 7.35
C19 7JB E . -14.23 -2.75 10.35
C20 7JB E . -14.34 -3.93 11.07
C21 7JB E . -13.76 -5.09 10.62
C22 7JB E . -13.07 -5.10 9.39
C4 7JB E . -5.79 -7.35 4.57
N5 7JB E . -8.12 -7.05 3.87
S6 7JB E . -9.61 -6.44 3.59
O7 7JB E . -9.44 -5.09 3.13
O8 7JB E . -10.31 -7.38 2.76
O16 7JB E . -12.07 -2.82 6.73
C17 7JB E . -12.98 -3.91 8.63
C18 7JB E . -13.56 -2.74 9.13
C23 7JB E . -12.44 -6.36 8.91
O24 7JB E . -12.45 -7.37 9.61
S SO4 F . -28.47 30.75 -2.62
O1 SO4 F . -29.35 29.60 -2.54
O2 SO4 F . -27.38 30.68 -1.66
O3 SO4 F . -29.23 31.94 -2.33
O4 SO4 F . -27.98 30.79 -3.98
S SO4 G . 24.14 15.78 2.30
O1 SO4 G . 24.72 14.56 2.87
O2 SO4 G . 22.68 15.60 2.16
O3 SO4 G . 24.73 16.04 0.98
O4 SO4 G . 24.42 16.90 3.21
S SO4 H . 26.16 8.71 13.99
O1 SO4 H . 25.03 8.50 14.88
O2 SO4 H . 27.38 8.10 14.58
O3 SO4 H . 26.37 10.16 13.79
O4 SO4 H . 25.89 8.11 12.71
#